data_2AA5
#
_entry.id   2AA5
#
_cell.length_a   42.164
_cell.length_b   89.394
_cell.length_c   172.204
_cell.angle_alpha   90.00
_cell.angle_beta   90.00
_cell.angle_gamma   90.00
#
_symmetry.space_group_name_H-M   'P 21 21 21'
#
loop_
_entity.id
_entity.type
_entity.pdbx_description
1 polymer 'Mineralocorticoid receptor'
2 non-polymer PROGESTERONE
3 water water
#
_entity_poly.entity_id   1
_entity_poly.type   'polypeptide(L)'
_entity_poly.pdbx_seq_one_letter_code
;GSAPAKEPSVNTALVPQLSTISRALTPSPVMVLENIEPEIVYAGYDSSKPDTAENLLSTLNRLAGKQMIQVVKWAKVLPG
FKNLPLEDQITLIQYSWMSLSSFALSWRSYKHTNSQFLYFAPDLVFNEEKMHQSAMYELCQGMHQISLQFVRLQLTFEEY
TIMKVLLLLSTIPKDGLKSQAAFEEMRTNYIKELRKMVTKCPNNSGQSWQRFYQLTKLLDSMHDLVSDLLEFCFYTFRES
HALKVEFPAMLVEIISDQLPKVESGNAKPLYFHRK
;
_entity_poly.pdbx_strand_id   A,B
#
loop_
_chem_comp.id
_chem_comp.type
_chem_comp.name
_chem_comp.formula
STR non-polymer PROGESTERONE 'C21 H30 O2'
#
# COMPACT_ATOMS: atom_id res chain seq x y z
N ALA A 13 46.30 11.82 24.12
CA ALA A 13 46.91 10.75 24.96
C ALA A 13 45.87 9.68 25.28
N LEU A 14 44.61 9.96 24.98
CA LEU A 14 43.54 8.99 25.26
C LEU A 14 42.97 8.44 23.96
N VAL A 15 43.04 7.12 23.79
CA VAL A 15 42.55 6.46 22.59
C VAL A 15 41.03 6.60 22.45
N PRO A 16 40.57 7.24 21.37
CA PRO A 16 39.12 7.41 21.15
C PRO A 16 38.47 6.04 20.91
N GLN A 17 37.33 5.79 21.54
CA GLN A 17 36.66 4.52 21.35
C GLN A 17 35.87 4.51 20.05
N LEU A 18 35.19 5.62 19.79
CA LEU A 18 34.42 5.76 18.55
C LEU A 18 35.37 5.68 17.34
N SER A 19 34.89 5.16 16.22
CA SER A 19 35.74 5.04 15.04
C SER A 19 35.10 5.60 13.79
N THR A 20 35.61 6.73 13.32
CA THR A 20 35.06 7.32 12.12
C THR A 20 35.34 6.45 10.90
N ILE A 21 36.48 5.78 10.89
CA ILE A 21 36.84 4.92 9.76
C ILE A 21 35.88 3.73 9.68
N SER A 22 35.71 3.04 10.81
CA SER A 22 34.82 1.88 10.89
C SER A 22 33.40 2.25 10.48
N ARG A 23 32.90 3.36 11.01
CA ARG A 23 31.53 3.79 10.71
C ARG A 23 31.28 4.04 9.22
N ALA A 24 32.27 4.61 8.54
CA ALA A 24 32.14 4.91 7.12
C ALA A 24 32.34 3.70 6.22
N LEU A 25 33.18 2.76 6.64
CA LEU A 25 33.46 1.55 5.86
C LEU A 25 32.38 0.46 6.02
N THR A 26 31.54 0.59 7.05
CA THR A 26 30.49 -0.38 7.30
C THR A 26 29.52 -0.48 6.12
N PRO A 27 29.43 -1.66 5.51
CA PRO A 27 28.54 -1.86 4.37
C PRO A 27 27.07 -1.70 4.78
N SER A 28 26.24 -1.29 3.83
CA SER A 28 24.81 -1.12 4.06
C SER A 28 24.18 -2.47 4.37
N PRO A 29 23.05 -2.46 5.07
CA PRO A 29 22.33 -3.71 5.43
C PRO A 29 22.00 -4.51 4.16
N VAL A 30 21.72 -3.79 3.07
CA VAL A 30 21.38 -4.41 1.80
C VAL A 30 22.62 -5.10 1.24
N MET A 31 23.79 -4.53 1.53
CA MET A 31 25.05 -5.10 1.04
C MET A 31 25.40 -6.28 1.91
N VAL A 32 25.05 -6.23 3.20
CA VAL A 32 25.33 -7.37 4.07
C VAL A 32 24.47 -8.60 3.65
N LEU A 33 23.20 -8.36 3.33
CA LEU A 33 22.31 -9.43 2.87
C LEU A 33 22.91 -10.12 1.63
N GLU A 34 23.41 -9.31 0.69
CA GLU A 34 24.04 -9.84 -0.52
C GLU A 34 25.26 -10.65 -0.16
N ASN A 35 26.00 -10.19 0.84
CA ASN A 35 27.20 -10.90 1.27
C ASN A 35 26.90 -12.24 1.93
N ILE A 36 25.78 -12.31 2.66
CA ILE A 36 25.41 -13.55 3.37
C ILE A 36 24.42 -14.47 2.65
N GLU A 37 24.01 -14.09 1.45
CA GLU A 37 23.08 -14.93 0.69
C GLU A 37 23.70 -16.32 0.55
N PRO A 38 22.95 -17.35 0.94
CA PRO A 38 23.48 -18.72 0.84
C PRO A 38 23.82 -19.13 -0.61
N GLU A 39 24.78 -20.03 -0.77
CA GLU A 39 25.11 -20.52 -2.10
C GLU A 39 24.06 -21.57 -2.46
N ILE A 40 23.82 -21.73 -3.77
CA ILE A 40 22.83 -22.68 -4.24
C ILE A 40 23.15 -24.10 -3.77
N VAL A 41 22.10 -24.84 -3.44
CA VAL A 41 22.22 -26.20 -2.94
C VAL A 41 21.73 -27.22 -3.98
N TYR A 42 22.41 -28.36 -4.05
CA TYR A 42 22.04 -29.45 -4.96
C TYR A 42 21.13 -30.43 -4.23
N ALA A 43 20.20 -31.02 -4.97
CA ALA A 43 19.30 -31.97 -4.34
C ALA A 43 19.86 -33.38 -4.31
N GLY A 44 20.78 -33.70 -5.21
CA GLY A 44 21.27 -35.08 -5.25
C GLY A 44 20.22 -35.95 -5.96
N TYR A 45 19.56 -35.37 -6.95
CA TYR A 45 18.56 -36.07 -7.75
C TYR A 45 19.21 -37.16 -8.63
N ASP A 46 18.63 -38.36 -8.56
CA ASP A 46 19.12 -39.51 -9.33
C ASP A 46 18.12 -39.81 -10.42
N SER A 47 18.39 -39.39 -11.65
CA SER A 47 17.43 -39.64 -12.74
C SER A 47 17.33 -41.10 -13.16
N SER A 48 18.18 -41.97 -12.62
CA SER A 48 18.09 -43.38 -12.98
C SER A 48 16.91 -44.06 -12.26
N LYS A 49 16.42 -43.42 -11.20
CA LYS A 49 15.25 -43.92 -10.49
C LYS A 49 13.99 -43.35 -11.15
N PRO A 50 12.89 -44.08 -11.10
CA PRO A 50 11.66 -43.57 -11.72
C PRO A 50 11.07 -42.32 -11.06
N ASP A 51 10.53 -41.43 -11.88
CA ASP A 51 9.95 -40.21 -11.38
C ASP A 51 8.53 -40.43 -10.85
N THR A 52 8.43 -41.19 -9.76
CA THR A 52 7.15 -41.43 -9.11
C THR A 52 7.02 -40.36 -8.00
N ALA A 53 5.79 -40.15 -7.52
CA ALA A 53 5.53 -39.19 -6.46
C ALA A 53 6.37 -39.46 -5.22
N GLU A 54 6.49 -40.73 -4.84
CA GLU A 54 7.27 -41.12 -3.67
C GLU A 54 8.74 -40.68 -3.80
N ASN A 55 9.34 -40.89 -4.98
CA ASN A 55 10.74 -40.52 -5.19
C ASN A 55 10.92 -39.02 -5.32
N LEU A 56 10.08 -38.39 -6.12
CA LEU A 56 10.16 -36.95 -6.32
C LEU A 56 9.98 -36.20 -4.99
N LEU A 57 8.93 -36.52 -4.24
CA LEU A 57 8.72 -35.86 -2.96
C LEU A 57 9.85 -36.10 -1.93
N SER A 58 10.36 -37.34 -1.86
CA SER A 58 11.43 -37.63 -0.92
C SER A 58 12.65 -36.82 -1.33
N THR A 59 12.88 -36.72 -2.61
CA THR A 59 14.04 -35.96 -3.05
C THR A 59 13.86 -34.50 -2.63
N LEU A 60 12.69 -33.94 -2.90
CA LEU A 60 12.42 -32.55 -2.52
C LEU A 60 12.63 -32.35 -1.03
N ASN A 61 12.15 -33.30 -0.23
CA ASN A 61 12.34 -33.21 1.22
C ASN A 61 13.84 -33.22 1.60
N ARG A 62 14.65 -34.05 0.93
CA ARG A 62 16.08 -34.11 1.23
C ARG A 62 16.71 -32.76 0.91
N LEU A 63 16.33 -32.20 -0.24
CA LEU A 63 16.81 -30.90 -0.69
C LEU A 63 16.42 -29.85 0.36
N ALA A 64 15.18 -29.96 0.83
CA ALA A 64 14.67 -29.04 1.83
C ALA A 64 15.55 -29.11 3.08
N GLY A 65 15.94 -30.32 3.48
CA GLY A 65 16.79 -30.43 4.66
C GLY A 65 18.13 -29.76 4.46
N LYS A 66 18.73 -29.92 3.29
CA LYS A 66 20.03 -29.31 3.01
C LYS A 66 19.89 -27.81 2.94
N GLN A 67 18.77 -27.33 2.39
CA GLN A 67 18.52 -25.90 2.29
C GLN A 67 18.35 -25.23 3.66
N MET A 68 17.61 -25.88 4.54
CA MET A 68 17.35 -25.30 5.85
C MET A 68 18.61 -25.17 6.71
N ILE A 69 19.59 -26.03 6.48
CA ILE A 69 20.85 -25.98 7.21
C ILE A 69 21.54 -24.66 6.84
N GLN A 70 21.49 -24.32 5.56
CA GLN A 70 22.09 -23.07 5.10
C GLN A 70 21.27 -21.85 5.52
N VAL A 71 19.95 -22.03 5.65
CA VAL A 71 19.06 -20.93 6.03
C VAL A 71 19.35 -20.54 7.47
N VAL A 72 19.60 -21.55 8.29
CA VAL A 72 19.93 -21.32 9.67
C VAL A 72 21.24 -20.54 9.78
N LYS A 73 22.24 -20.93 9.00
CA LYS A 73 23.54 -20.25 9.00
C LYS A 73 23.38 -18.81 8.53
N TRP A 74 22.39 -18.59 7.67
CA TRP A 74 22.05 -17.30 7.14
C TRP A 74 21.40 -16.45 8.25
N ALA A 75 20.53 -17.09 9.03
CA ALA A 75 19.80 -16.43 10.12
C ALA A 75 20.69 -16.01 11.29
N LYS A 76 21.81 -16.71 11.47
CA LYS A 76 22.77 -16.37 12.53
C LYS A 76 23.51 -15.05 12.22
N VAL A 77 23.81 -14.78 10.95
CA VAL A 77 24.52 -13.55 10.61
C VAL A 77 23.62 -12.46 10.07
N LEU A 78 22.32 -12.64 10.20
CA LEU A 78 21.38 -11.65 9.70
C LEU A 78 21.33 -10.45 10.67
N PRO A 79 21.61 -9.25 10.15
CA PRO A 79 21.62 -8.02 10.94
C PRO A 79 20.30 -7.81 11.64
N GLY A 80 20.36 -7.62 12.97
CA GLY A 80 19.20 -7.40 13.79
C GLY A 80 18.56 -8.67 14.34
N PHE A 81 18.78 -9.77 13.63
CA PHE A 81 18.18 -11.02 14.09
C PHE A 81 18.74 -11.47 15.43
N LYS A 82 20.01 -11.15 15.68
CA LYS A 82 20.65 -11.51 16.94
C LYS A 82 20.13 -10.67 18.12
N ASN A 83 19.41 -9.59 17.82
CA ASN A 83 18.86 -8.71 18.87
C ASN A 83 17.67 -9.37 19.59
N LEU A 84 17.09 -10.37 18.93
CA LEU A 84 15.94 -11.10 19.47
C LEU A 84 16.40 -12.28 20.29
N PRO A 85 15.58 -12.70 21.26
CA PRO A 85 15.88 -13.84 22.14
C PRO A 85 15.92 -15.16 21.37
N LEU A 86 16.73 -16.09 21.84
CA LEU A 86 16.88 -17.40 21.19
C LEU A 86 15.56 -18.08 20.86
N GLU A 87 14.63 -18.08 21.80
CA GLU A 87 13.33 -18.72 21.58
C GLU A 87 12.59 -18.12 20.39
N ASP A 88 12.71 -16.80 20.20
CA ASP A 88 12.04 -16.13 19.09
C ASP A 88 12.86 -16.26 17.79
N GLN A 89 14.03 -16.85 17.90
CA GLN A 89 14.89 -17.05 16.75
C GLN A 89 14.63 -18.41 16.13
N ILE A 90 14.12 -19.32 16.93
CA ILE A 90 13.84 -20.66 16.48
C ILE A 90 12.40 -20.75 15.99
N THR A 91 11.51 -20.06 16.71
CA THR A 91 10.10 -20.07 16.37
C THR A 91 9.90 -19.39 15.02
N LEU A 92 10.55 -18.25 14.82
CA LEU A 92 10.40 -17.54 13.55
C LEU A 92 10.91 -18.38 12.37
N ILE A 93 12.01 -19.09 12.57
CA ILE A 93 12.56 -19.93 11.54
C ILE A 93 11.63 -21.12 11.29
N GLN A 94 11.15 -21.79 12.33
CA GLN A 94 10.23 -22.91 12.13
C GLN A 94 8.88 -22.47 11.52
N TYR A 95 8.48 -21.23 11.79
CA TYR A 95 7.23 -20.71 11.27
C TYR A 95 7.27 -20.27 9.82
N SER A 96 8.42 -19.81 9.37
CA SER A 96 8.52 -19.31 8.02
C SER A 96 9.34 -20.14 7.07
N TRP A 97 9.77 -21.34 7.48
CA TRP A 97 10.62 -22.16 6.61
C TRP A 97 10.01 -22.46 5.25
N MET A 98 8.71 -22.75 5.24
CA MET A 98 8.04 -23.05 3.97
C MET A 98 7.95 -21.79 3.10
N SER A 99 7.72 -20.65 3.73
CA SER A 99 7.59 -19.45 3.00
C SER A 99 8.95 -19.07 2.39
N LEU A 100 10.04 -19.23 3.15
CA LEU A 100 11.37 -18.90 2.63
C LEU A 100 11.78 -19.83 1.53
N SER A 101 11.44 -21.12 1.70
CA SER A 101 11.72 -22.16 0.72
C SER A 101 11.03 -21.87 -0.61
N SER A 102 9.72 -21.60 -0.56
CA SER A 102 8.97 -21.33 -1.80
C SER A 102 9.42 -20.01 -2.47
N PHE A 103 9.68 -19.00 -1.66
CA PHE A 103 10.09 -17.71 -2.22
C PHE A 103 11.47 -17.78 -2.87
N ALA A 104 12.41 -18.49 -2.27
CA ALA A 104 13.74 -18.68 -2.88
C ALA A 104 13.59 -19.58 -4.12
N LEU A 105 12.65 -20.50 -4.05
CA LEU A 105 12.42 -21.35 -5.21
C LEU A 105 12.02 -20.51 -6.43
N SER A 106 11.14 -19.53 -6.22
CA SER A 106 10.69 -18.65 -7.29
C SER A 106 11.81 -17.75 -7.80
N TRP A 107 12.66 -17.27 -6.90
CA TRP A 107 13.78 -16.43 -7.31
C TRP A 107 14.71 -17.21 -8.26
N ARG A 108 15.11 -18.41 -7.85
CA ARG A 108 15.98 -19.23 -8.72
C ARG A 108 15.32 -19.52 -10.07
N SER A 109 14.02 -19.81 -10.05
CA SER A 109 13.31 -20.08 -11.29
C SER A 109 13.33 -18.85 -12.21
N TYR A 110 13.15 -17.70 -11.58
CA TYR A 110 13.13 -16.43 -12.30
C TYR A 110 14.49 -16.08 -12.90
N LYS A 111 15.55 -16.20 -12.11
CA LYS A 111 16.89 -15.87 -12.51
C LYS A 111 17.55 -16.91 -13.44
N HIS A 112 17.30 -18.17 -13.14
CA HIS A 112 17.90 -19.22 -13.93
C HIS A 112 17.10 -19.71 -15.09
N THR A 113 15.80 -19.46 -15.11
CA THR A 113 15.05 -19.97 -16.23
C THR A 113 14.05 -18.99 -16.80
N ASN A 114 14.13 -17.74 -16.34
CA ASN A 114 13.19 -16.70 -16.78
C ASN A 114 11.78 -17.14 -16.42
N SER A 115 11.66 -17.86 -15.30
CA SER A 115 10.38 -18.36 -14.82
C SER A 115 9.71 -19.34 -15.77
N GLN A 116 10.49 -20.00 -16.62
CA GLN A 116 9.94 -20.99 -17.54
C GLN A 116 9.76 -22.32 -16.81
N PHE A 117 10.61 -22.58 -15.83
CA PHE A 117 10.53 -23.82 -15.06
C PHE A 117 10.69 -23.54 -13.58
N LEU A 118 10.50 -24.57 -12.74
CA LEU A 118 10.70 -24.45 -11.31
C LEU A 118 12.08 -25.05 -11.04
N TYR A 119 13.02 -24.15 -10.78
CA TYR A 119 14.41 -24.48 -10.53
C TYR A 119 14.65 -24.84 -9.06
N PHE A 120 14.30 -26.06 -8.67
CA PHE A 120 14.47 -26.48 -7.28
C PHE A 120 15.94 -26.52 -6.87
N ALA A 121 16.79 -26.95 -7.81
CA ALA A 121 18.24 -27.04 -7.65
C ALA A 121 18.83 -27.24 -9.07
N PRO A 122 20.14 -26.96 -9.28
CA PRO A 122 20.79 -27.12 -10.59
C PRO A 122 20.58 -28.54 -11.12
N ASP A 123 20.58 -29.53 -10.24
CA ASP A 123 20.35 -30.90 -10.70
C ASP A 123 18.86 -31.31 -10.67
N LEU A 124 17.98 -30.38 -10.29
CA LEU A 124 16.57 -30.75 -10.26
C LEU A 124 15.66 -29.61 -10.73
N VAL A 125 15.28 -29.65 -12.00
CA VAL A 125 14.47 -28.58 -12.60
C VAL A 125 13.18 -29.20 -13.03
N PHE A 126 12.07 -28.66 -12.54
CA PHE A 126 10.77 -29.21 -12.86
C PHE A 126 10.13 -28.57 -14.04
N ASN A 127 9.72 -29.39 -15.00
CA ASN A 127 8.94 -28.92 -16.15
C ASN A 127 7.49 -29.42 -15.84
N GLU A 128 6.52 -29.13 -16.72
CA GLU A 128 5.15 -29.56 -16.40
C GLU A 128 5.05 -31.03 -16.04
N GLU A 129 5.74 -31.88 -16.78
CA GLU A 129 5.67 -33.29 -16.50
C GLU A 129 6.01 -33.67 -15.04
N LYS A 130 7.19 -33.27 -14.57
CA LYS A 130 7.57 -33.61 -13.20
C LYS A 130 6.59 -33.01 -12.21
N MET A 131 6.00 -31.88 -12.59
CA MET A 131 5.00 -31.24 -11.73
C MET A 131 3.81 -32.17 -11.53
N HIS A 132 3.38 -32.81 -12.62
CA HIS A 132 2.28 -33.75 -12.54
C HIS A 132 2.78 -34.97 -11.77
N GLN A 133 3.97 -35.43 -12.11
CA GLN A 133 4.45 -36.63 -11.45
C GLN A 133 4.67 -36.52 -9.95
N SER A 134 4.93 -35.30 -9.50
CA SER A 134 5.18 -35.02 -8.10
C SER A 134 3.90 -35.21 -7.28
N ALA A 135 2.74 -35.24 -7.93
CA ALA A 135 1.44 -35.36 -7.25
C ALA A 135 1.09 -34.06 -6.49
N MET A 136 1.77 -32.96 -6.79
CA MET A 136 1.41 -31.66 -6.17
C MET A 136 1.43 -30.62 -7.27
N TYR A 137 0.78 -30.94 -8.37
CA TYR A 137 0.76 -30.09 -9.54
C TYR A 137 0.22 -28.70 -9.28
N GLU A 138 -0.90 -28.63 -8.58
CA GLU A 138 -1.53 -27.33 -8.30
C GLU A 138 -0.65 -26.45 -7.42
N LEU A 139 0.01 -27.07 -6.47
CA LEU A 139 0.92 -26.34 -5.59
C LEU A 139 2.12 -25.84 -6.41
N CYS A 140 2.59 -26.67 -7.34
CA CYS A 140 3.72 -26.28 -8.17
C CYS A 140 3.27 -25.08 -9.00
N GLN A 141 2.05 -25.16 -9.55
CA GLN A 141 1.53 -24.03 -10.32
C GLN A 141 1.48 -22.77 -9.45
N GLY A 142 1.06 -22.95 -8.20
CA GLY A 142 0.99 -21.84 -7.24
C GLY A 142 2.35 -21.18 -7.06
N MET A 143 3.41 -21.96 -6.84
CA MET A 143 4.75 -21.40 -6.68
C MET A 143 5.28 -20.80 -8.00
N HIS A 144 4.95 -21.44 -9.11
CA HIS A 144 5.35 -20.95 -10.42
C HIS A 144 4.67 -19.58 -10.66
N GLN A 145 3.42 -19.41 -10.22
CA GLN A 145 2.75 -18.10 -10.43
C GLN A 145 3.57 -16.96 -9.82
N ILE A 146 4.18 -17.22 -8.68
CA ILE A 146 5.00 -16.21 -8.03
C ILE A 146 6.25 -15.91 -8.94
N SER A 147 6.78 -16.94 -9.57
CA SER A 147 7.93 -16.73 -10.46
C SER A 147 7.49 -15.79 -11.59
N LEU A 148 6.29 -16.01 -12.13
CA LEU A 148 5.80 -15.19 -13.23
C LEU A 148 5.69 -13.77 -12.79
N GLN A 149 5.27 -13.55 -11.54
CA GLN A 149 5.14 -12.20 -11.01
C GLN A 149 6.49 -11.48 -10.92
N PHE A 150 7.55 -12.26 -10.68
CA PHE A 150 8.90 -11.68 -10.58
C PHE A 150 9.27 -11.11 -11.96
N VAL A 151 8.79 -11.73 -13.03
CA VAL A 151 9.09 -11.27 -14.38
C VAL A 151 8.31 -9.99 -14.74
N ARG A 152 7.01 -10.00 -14.46
CA ARG A 152 6.20 -8.82 -14.75
C ARG A 152 6.68 -7.61 -13.95
N LEU A 153 7.20 -7.85 -12.76
CA LEU A 153 7.67 -6.78 -11.89
C LEU A 153 9.12 -6.44 -12.06
N GLN A 154 9.87 -7.34 -12.70
CA GLN A 154 11.31 -7.17 -12.88
C GLN A 154 11.93 -7.00 -11.48
N LEU A 155 11.58 -7.92 -10.58
CA LEU A 155 12.11 -7.90 -9.21
C LEU A 155 13.62 -7.85 -9.25
N THR A 156 14.22 -7.11 -8.33
CA THR A 156 15.67 -6.99 -8.34
C THR A 156 16.16 -7.82 -7.21
N PHE A 157 17.45 -8.17 -7.27
CA PHE A 157 18.06 -8.98 -6.21
C PHE A 157 18.00 -8.25 -4.86
N GLU A 158 18.23 -6.95 -4.86
CA GLU A 158 18.15 -6.14 -3.64
C GLU A 158 16.74 -6.21 -3.06
N GLU A 159 15.72 -6.01 -3.89
CA GLU A 159 14.34 -6.09 -3.42
C GLU A 159 14.06 -7.49 -2.89
N TYR A 160 14.62 -8.50 -3.57
CA TYR A 160 14.43 -9.88 -3.17
C TYR A 160 14.94 -10.17 -1.77
N THR A 161 16.22 -9.84 -1.54
CA THR A 161 16.83 -10.11 -0.26
C THR A 161 16.08 -9.46 0.89
N ILE A 162 15.62 -8.23 0.69
CA ILE A 162 14.87 -7.57 1.76
C ILE A 162 13.54 -8.32 1.97
N MET A 163 12.87 -8.64 0.88
CA MET A 163 11.60 -9.34 0.97
C MET A 163 11.70 -10.67 1.70
N LYS A 164 12.83 -11.32 1.55
CA LYS A 164 13.03 -12.59 2.18
C LYS A 164 13.13 -12.40 3.70
N VAL A 165 13.83 -11.35 4.14
CA VAL A 165 13.91 -11.11 5.58
C VAL A 165 12.50 -10.89 6.15
N LEU A 166 11.65 -10.16 5.43
CA LEU A 166 10.31 -9.88 5.88
C LEU A 166 9.54 -11.18 6.00
N LEU A 167 9.74 -12.10 5.05
CA LEU A 167 9.03 -13.38 5.12
C LEU A 167 9.44 -14.14 6.39
N LEU A 168 10.70 -14.04 6.76
CA LEU A 168 11.17 -14.68 7.99
C LEU A 168 10.45 -14.05 9.21
N LEU A 169 9.99 -12.81 9.05
CA LEU A 169 9.30 -12.05 10.08
C LEU A 169 7.84 -11.85 9.68
N SER A 170 7.24 -12.87 9.08
CA SER A 170 5.88 -12.71 8.64
C SER A 170 4.89 -13.57 9.45
N THR A 171 5.38 -14.48 10.28
CA THR A 171 4.46 -15.34 11.04
C THR A 171 4.89 -15.47 12.51
N ILE A 172 4.01 -15.10 13.44
CA ILE A 172 4.36 -15.17 14.86
C ILE A 172 3.29 -15.89 15.64
N PRO A 173 3.59 -16.33 16.86
CA PRO A 173 2.60 -17.03 17.67
C PRO A 173 1.49 -16.08 18.09
N LYS A 174 0.30 -16.62 18.37
CA LYS A 174 -0.85 -15.84 18.79
C LYS A 174 -0.60 -15.11 20.11
N ASP A 175 0.03 -15.78 21.07
CA ASP A 175 0.30 -15.16 22.39
C ASP A 175 1.44 -14.15 22.29
N GLY A 176 2.22 -14.23 21.22
CA GLY A 176 3.30 -13.28 21.03
C GLY A 176 4.65 -13.87 21.33
N LEU A 177 5.69 -13.15 20.94
CA LEU A 177 7.07 -13.57 21.16
C LEU A 177 7.62 -13.08 22.49
N LYS A 178 8.75 -13.65 22.91
CA LYS A 178 9.39 -13.24 24.15
C LYS A 178 9.74 -11.75 24.13
N SER A 179 10.09 -11.23 22.95
CA SER A 179 10.46 -9.83 22.79
C SER A 179 9.69 -9.22 21.64
N GLN A 180 8.38 -9.13 21.81
CA GLN A 180 7.52 -8.59 20.79
C GLN A 180 7.98 -7.18 20.40
N ALA A 181 8.56 -6.47 21.37
CA ALA A 181 9.04 -5.11 21.14
C ALA A 181 10.28 -5.15 20.25
N ALA A 182 11.23 -6.01 20.60
CA ALA A 182 12.43 -6.17 19.81
C ALA A 182 12.09 -6.66 18.39
N PHE A 183 11.09 -7.53 18.28
CA PHE A 183 10.67 -8.05 16.98
C PHE A 183 10.11 -6.92 16.11
N GLU A 184 9.23 -6.12 16.69
CA GLU A 184 8.61 -5.00 15.98
C GLU A 184 9.67 -4.05 15.41
N GLU A 185 10.73 -3.85 16.18
CA GLU A 185 11.79 -2.95 15.75
C GLU A 185 12.45 -3.46 14.48
N MET A 186 12.92 -4.70 14.53
CA MET A 186 13.58 -5.33 13.39
C MET A 186 12.69 -5.32 12.12
N ARG A 187 11.42 -5.71 12.29
CA ARG A 187 10.49 -5.76 11.15
C ARG A 187 10.30 -4.38 10.55
N THR A 188 10.21 -3.38 11.41
CA THR A 188 10.05 -2.00 10.99
C THR A 188 11.27 -1.51 10.21
N ASN A 189 12.45 -1.86 10.71
CA ASN A 189 13.71 -1.47 10.10
C ASN A 189 13.80 -2.02 8.68
N TYR A 190 13.45 -3.29 8.52
CA TYR A 190 13.50 -3.89 7.20
C TYR A 190 12.40 -3.36 6.27
N ILE A 191 11.21 -3.08 6.80
CA ILE A 191 10.17 -2.52 5.94
C ILE A 191 10.69 -1.15 5.44
N LYS A 192 11.45 -0.46 6.30
CA LYS A 192 12.03 0.83 5.94
C LYS A 192 12.99 0.59 4.76
N GLU A 193 13.87 -0.40 4.94
CA GLU A 193 14.83 -0.77 3.90
C GLU A 193 14.17 -0.93 2.54
N LEU A 194 13.07 -1.68 2.50
CA LEU A 194 12.35 -1.91 1.25
C LEU A 194 11.74 -0.60 0.76
N ARG A 195 11.36 0.25 1.71
CA ARG A 195 10.74 1.53 1.39
C ARG A 195 11.73 2.44 0.66
N LYS A 196 12.92 2.58 1.23
CA LYS A 196 13.95 3.43 0.65
C LYS A 196 14.50 2.84 -0.65
N MET A 197 14.44 1.52 -0.74
CA MET A 197 14.93 0.80 -1.90
C MET A 197 14.04 1.04 -3.11
N VAL A 198 12.73 0.96 -2.91
CA VAL A 198 11.75 1.14 -3.98
C VAL A 198 11.56 2.61 -4.36
N THR A 199 12.36 3.48 -3.74
CA THR A 199 12.30 4.92 -4.01
C THR A 199 13.14 5.36 -5.24
N LYS A 200 12.45 5.97 -6.21
CA LYS A 200 13.08 6.44 -7.44
C LYS A 200 13.90 7.71 -7.19
N CYS A 201 14.86 7.98 -8.07
CA CYS A 201 15.71 9.16 -7.94
C CYS A 201 15.37 10.19 -9.00
N SER A 208 7.00 5.10 -6.95
CA SER A 208 7.62 4.45 -5.75
C SER A 208 6.58 3.82 -4.84
N TRP A 209 5.46 4.50 -4.64
CA TRP A 209 4.40 3.95 -3.79
C TRP A 209 3.67 2.81 -4.52
N GLN A 210 3.47 2.93 -5.82
CA GLN A 210 2.80 1.86 -6.54
C GLN A 210 3.63 0.56 -6.51
N ARG A 211 4.95 0.67 -6.62
CA ARG A 211 5.80 -0.51 -6.59
C ARG A 211 5.84 -1.09 -5.18
N PHE A 212 5.95 -0.23 -4.18
CA PHE A 212 5.96 -0.67 -2.80
C PHE A 212 4.65 -1.42 -2.51
N TYR A 213 3.57 -1.01 -3.18
CA TYR A 213 2.24 -1.63 -3.01
C TYR A 213 2.20 -3.02 -3.65
N GLN A 214 2.78 -3.12 -4.84
CA GLN A 214 2.83 -4.37 -5.58
C GLN A 214 3.67 -5.38 -4.81
N LEU A 215 4.75 -4.91 -4.22
CA LEU A 215 5.63 -5.80 -3.47
C LEU A 215 5.00 -6.26 -2.18
N THR A 216 4.32 -5.36 -1.47
CA THR A 216 3.69 -5.71 -0.21
C THR A 216 2.54 -6.72 -0.42
N LYS A 217 1.81 -6.54 -1.50
CA LYS A 217 0.71 -7.46 -1.80
C LYS A 217 1.33 -8.79 -2.22
N LEU A 218 2.51 -8.75 -2.83
CA LEU A 218 3.16 -9.99 -3.25
C LEU A 218 3.51 -10.75 -1.97
N LEU A 219 4.07 -10.06 -0.98
CA LEU A 219 4.38 -10.70 0.29
C LEU A 219 3.12 -11.28 0.93
N ASP A 220 2.03 -10.52 0.94
CA ASP A 220 0.76 -11.00 1.54
C ASP A 220 0.24 -12.26 0.85
N SER A 221 0.36 -12.33 -0.47
CA SER A 221 -0.14 -13.48 -1.18
C SER A 221 0.63 -14.75 -0.80
N MET A 222 1.83 -14.59 -0.27
CA MET A 222 2.62 -15.75 0.11
C MET A 222 1.92 -16.54 1.22
N HIS A 223 1.15 -15.85 2.05
CA HIS A 223 0.46 -16.53 3.18
C HIS A 223 -0.52 -17.61 2.75
N ASP A 224 -1.37 -17.31 1.77
CA ASP A 224 -2.36 -18.31 1.33
C ASP A 224 -1.66 -19.46 0.62
N LEU A 225 -0.62 -19.13 -0.16
CA LEU A 225 0.14 -20.17 -0.87
C LEU A 225 0.80 -21.10 0.16
N VAL A 226 1.46 -20.48 1.14
CA VAL A 226 2.17 -21.24 2.16
C VAL A 226 1.19 -22.09 2.94
N SER A 227 -0.01 -21.58 3.21
CA SER A 227 -1.03 -22.38 3.89
C SER A 227 -1.30 -23.66 3.10
N ASP A 228 -1.48 -23.51 1.79
CA ASP A 228 -1.74 -24.67 0.94
C ASP A 228 -0.55 -25.64 0.90
N LEU A 229 0.67 -25.12 0.86
CA LEU A 229 1.83 -25.99 0.83
C LEU A 229 1.95 -26.75 2.15
N LEU A 230 1.71 -26.03 3.22
CA LEU A 230 1.79 -26.63 4.53
C LEU A 230 0.73 -27.69 4.74
N GLU A 231 -0.42 -27.48 4.11
CA GLU A 231 -1.49 -28.45 4.32
C GLU A 231 -1.08 -29.76 3.69
N PHE A 232 -0.47 -29.67 2.51
CA PHE A 232 0.00 -30.86 1.80
C PHE A 232 1.17 -31.46 2.59
N CYS A 233 2.05 -30.60 3.07
CA CYS A 233 3.19 -31.04 3.84
C CYS A 233 2.77 -31.79 5.12
N PHE A 234 1.86 -31.22 5.90
CA PHE A 234 1.42 -31.90 7.12
C PHE A 234 0.75 -33.23 6.81
N TYR A 235 -0.05 -33.25 5.74
CA TYR A 235 -0.71 -34.48 5.29
C TYR A 235 0.29 -35.60 4.87
N THR A 236 1.29 -35.25 4.06
CA THR A 236 2.24 -36.25 3.61
C THR A 236 3.12 -36.66 4.81
N PHE A 237 3.36 -35.72 5.71
CA PHE A 237 4.15 -36.03 6.88
C PHE A 237 3.43 -37.06 7.78
N ARG A 238 2.15 -36.85 8.06
CA ARG A 238 1.48 -37.81 8.94
C ARG A 238 1.23 -39.16 8.30
N GLU A 239 1.23 -39.19 6.97
CA GLU A 239 1.02 -40.45 6.28
C GLU A 239 2.27 -40.91 5.53
N SER A 240 3.45 -40.49 5.96
CA SER A 240 4.68 -40.82 5.22
C SER A 240 4.92 -42.32 5.08
N HIS A 241 4.54 -43.08 6.10
CA HIS A 241 4.76 -44.52 6.01
C HIS A 241 3.94 -45.10 4.87
N ALA A 242 2.63 -44.85 4.90
CA ALA A 242 1.72 -45.32 3.86
C ALA A 242 2.06 -44.79 2.47
N LEU A 243 2.44 -43.51 2.39
CA LEU A 243 2.76 -42.89 1.13
C LEU A 243 4.21 -43.13 0.74
N LYS A 244 5.01 -43.66 1.67
CA LYS A 244 6.42 -43.92 1.40
C LYS A 244 7.21 -42.63 1.08
N VAL A 245 6.86 -41.55 1.72
CA VAL A 245 7.58 -40.32 1.49
C VAL A 245 8.51 -40.10 2.69
N GLU A 246 9.82 -40.17 2.44
CA GLU A 246 10.84 -39.98 3.46
C GLU A 246 11.16 -38.51 3.76
N PHE A 247 11.29 -38.21 5.03
CA PHE A 247 11.62 -36.87 5.45
C PHE A 247 12.98 -36.95 6.16
N PRO A 248 13.89 -36.01 5.91
CA PRO A 248 15.20 -36.03 6.56
C PRO A 248 15.04 -35.47 8.00
N ALA A 249 16.02 -35.76 8.85
CA ALA A 249 15.99 -35.32 10.26
C ALA A 249 15.63 -33.83 10.42
N MET A 250 16.31 -32.98 9.68
CA MET A 250 16.03 -31.55 9.76
C MET A 250 14.53 -31.24 9.64
N LEU A 251 13.86 -31.90 8.69
CA LEU A 251 12.43 -31.67 8.47
C LEU A 251 11.56 -32.29 9.53
N VAL A 252 11.91 -33.49 9.98
CA VAL A 252 11.12 -34.11 11.02
C VAL A 252 11.09 -33.19 12.24
N GLU A 253 12.24 -32.58 12.54
CA GLU A 253 12.35 -31.70 13.69
C GLU A 253 11.46 -30.49 13.54
N ILE A 254 11.58 -29.81 12.40
CA ILE A 254 10.82 -28.62 12.12
C ILE A 254 9.32 -28.90 12.06
N ILE A 255 8.95 -29.95 11.33
CA ILE A 255 7.53 -30.27 11.17
C ILE A 255 6.85 -30.81 12.42
N SER A 256 7.61 -31.52 13.24
CA SER A 256 7.09 -32.08 14.48
C SER A 256 6.70 -30.95 15.41
N ASP A 257 7.38 -29.83 15.32
CA ASP A 257 7.06 -28.70 16.19
C ASP A 257 6.00 -27.80 15.57
N GLN A 258 6.10 -27.57 14.26
CA GLN A 258 5.18 -26.69 13.55
C GLN A 258 3.77 -27.21 13.37
N LEU A 259 3.62 -28.48 12.95
CA LEU A 259 2.30 -29.06 12.69
C LEU A 259 1.27 -28.87 13.83
N PRO A 260 1.57 -29.36 15.05
CA PRO A 260 0.61 -29.17 16.14
C PRO A 260 0.37 -27.68 16.46
N LYS A 261 1.37 -26.83 16.25
CA LYS A 261 1.16 -25.42 16.50
C LYS A 261 0.28 -24.79 15.40
N VAL A 262 0.62 -25.00 14.14
CA VAL A 262 -0.19 -24.42 13.07
C VAL A 262 -1.63 -24.97 13.11
N GLU A 263 -1.77 -26.25 13.31
CA GLU A 263 -3.10 -26.86 13.31
C GLU A 263 -3.95 -26.46 14.50
N SER A 264 -3.32 -25.93 15.54
CA SER A 264 -4.06 -25.51 16.70
C SER A 264 -4.42 -24.00 16.69
N GLY A 265 -4.22 -23.35 15.55
CA GLY A 265 -4.55 -21.94 15.43
C GLY A 265 -3.60 -21.06 16.22
N ASN A 266 -2.42 -21.59 16.53
CA ASN A 266 -1.43 -20.86 17.30
C ASN A 266 -0.44 -20.03 16.46
N ALA A 267 -0.56 -20.09 15.14
CA ALA A 267 0.33 -19.30 14.25
C ALA A 267 -0.44 -18.09 13.69
N LYS A 268 0.08 -16.90 13.91
CA LYS A 268 -0.59 -15.68 13.43
C LYS A 268 0.16 -15.05 12.27
N PRO A 269 -0.49 -14.95 11.12
CA PRO A 269 0.19 -14.35 9.96
C PRO A 269 0.06 -12.81 9.97
N LEU A 270 1.15 -12.14 9.65
CA LEU A 270 1.14 -10.69 9.63
C LEU A 270 0.93 -10.22 8.19
N TYR A 271 -0.05 -9.34 8.00
CA TYR A 271 -0.36 -8.78 6.69
C TYR A 271 -0.07 -7.28 6.58
N PHE A 272 0.09 -6.81 5.35
CA PHE A 272 0.30 -5.40 5.09
C PHE A 272 -1.03 -4.78 4.70
N HIS A 273 -1.84 -5.53 3.93
CA HIS A 273 -3.13 -5.03 3.49
C HIS A 273 -4.26 -5.74 4.23
N LEU B 14 29.18 34.55 12.49
CA LEU B 14 29.10 34.78 13.98
C LEU B 14 27.74 34.32 14.53
N VAL B 15 26.66 34.78 13.91
CA VAL B 15 25.29 34.43 14.32
C VAL B 15 24.74 33.21 13.60
N PRO B 16 24.51 32.12 14.35
CA PRO B 16 23.98 30.86 13.84
C PRO B 16 22.61 31.10 13.23
N GLN B 17 22.44 30.73 11.96
CA GLN B 17 21.16 30.96 11.29
C GLN B 17 20.08 29.92 11.57
N LEU B 18 20.47 28.66 11.72
CA LEU B 18 19.50 27.62 11.99
C LEU B 18 18.94 27.66 13.41
N SER B 19 17.82 28.34 13.59
CA SER B 19 17.19 28.45 14.91
C SER B 19 16.61 27.11 15.37
N THR B 20 17.17 26.58 16.45
CA THR B 20 16.72 25.31 17.01
C THR B 20 15.37 25.50 17.72
N ILE B 21 15.12 26.72 18.19
CA ILE B 21 13.88 27.04 18.88
C ILE B 21 12.75 27.24 17.90
N SER B 22 13.05 27.97 16.83
CA SER B 22 12.05 28.23 15.81
C SER B 22 11.67 26.95 15.07
N ARG B 23 12.63 26.05 14.90
CA ARG B 23 12.35 24.79 14.21
C ARG B 23 11.42 23.90 15.04
N ALA B 24 11.68 23.82 16.33
CA ALA B 24 10.89 22.96 17.20
C ALA B 24 9.60 23.64 17.66
N LEU B 25 9.60 24.96 17.62
CA LEU B 25 8.44 25.73 18.04
C LEU B 25 7.47 25.99 16.87
N THR B 26 7.90 25.64 15.65
CA THR B 26 7.05 25.85 14.49
C THR B 26 5.93 24.79 14.52
N PRO B 27 4.70 25.20 14.15
CA PRO B 27 3.54 24.31 14.13
C PRO B 27 3.68 23.17 13.13
N SER B 28 3.20 21.98 13.49
CA SER B 28 3.25 20.85 12.56
C SER B 28 2.31 21.16 11.41
N PRO B 29 2.62 20.60 10.21
CA PRO B 29 1.81 20.79 8.99
C PRO B 29 0.32 20.49 9.30
N VAL B 30 0.08 19.40 10.04
CA VAL B 30 -1.26 19.00 10.43
C VAL B 30 -1.94 20.05 11.32
N MET B 31 -1.15 20.72 12.16
CA MET B 31 -1.70 21.74 13.06
C MET B 31 -2.06 22.99 12.29
N VAL B 32 -1.24 23.35 11.32
CA VAL B 32 -1.47 24.53 10.48
C VAL B 32 -2.74 24.33 9.60
N LEU B 33 -2.93 23.09 9.17
CA LEU B 33 -4.08 22.74 8.34
C LEU B 33 -5.37 22.92 9.16
N GLU B 34 -5.33 22.53 10.44
CA GLU B 34 -6.50 22.68 11.29
C GLU B 34 -6.78 24.14 11.51
N ASN B 35 -5.74 24.96 11.53
CA ASN B 35 -5.93 26.39 11.73
C ASN B 35 -6.41 27.08 10.44
N ILE B 36 -5.93 26.65 9.28
CA ILE B 36 -6.35 27.30 8.02
C ILE B 36 -7.68 26.77 7.40
N GLU B 37 -8.19 25.68 7.95
CA GLU B 37 -9.44 25.10 7.44
C GLU B 37 -10.58 26.13 7.46
N PRO B 38 -11.23 26.33 6.31
CA PRO B 38 -12.34 27.29 6.19
C PRO B 38 -13.56 26.93 7.04
N GLU B 39 -14.32 27.94 7.46
CA GLU B 39 -15.51 27.65 8.25
C GLU B 39 -16.57 27.15 7.29
N ILE B 40 -17.60 26.51 7.83
CA ILE B 40 -18.68 25.98 6.99
C ILE B 40 -19.30 27.10 6.18
N VAL B 41 -19.61 26.80 4.93
CA VAL B 41 -20.27 27.75 4.04
C VAL B 41 -21.78 27.42 3.92
N TYR B 42 -22.61 28.47 3.87
CA TYR B 42 -24.06 28.30 3.73
C TYR B 42 -24.47 28.43 2.27
N ALA B 43 -25.45 27.63 1.86
CA ALA B 43 -25.94 27.65 0.49
C ALA B 43 -26.87 28.83 0.23
N GLY B 44 -27.67 29.19 1.23
CA GLY B 44 -28.61 30.25 1.01
C GLY B 44 -29.81 29.62 0.34
N TYR B 45 -30.12 28.38 0.74
CA TYR B 45 -31.28 27.67 0.21
C TYR B 45 -32.59 28.34 0.68
N ASP B 46 -33.51 28.53 -0.26
CA ASP B 46 -34.81 29.15 -0.02
C ASP B 46 -35.83 28.04 -0.17
N SER B 47 -36.35 27.52 0.94
CA SER B 47 -37.33 26.42 0.86
C SER B 47 -38.63 26.71 0.07
N SER B 48 -38.96 27.99 -0.13
CA SER B 48 -40.19 28.30 -0.88
C SER B 48 -40.13 27.83 -2.33
N LYS B 49 -38.93 27.65 -2.87
CA LYS B 49 -38.82 27.21 -4.25
C LYS B 49 -39.08 25.71 -4.37
N PRO B 50 -39.80 25.31 -5.43
CA PRO B 50 -40.08 23.88 -5.59
C PRO B 50 -38.78 23.05 -5.70
N ASP B 51 -38.79 21.90 -5.07
CA ASP B 51 -37.62 21.03 -5.09
C ASP B 51 -37.56 20.25 -6.40
N THR B 52 -37.34 20.96 -7.49
CA THR B 52 -37.23 20.33 -8.80
C THR B 52 -35.72 20.36 -9.08
N ALA B 53 -35.25 19.58 -10.07
CA ALA B 53 -33.83 19.54 -10.42
C ALA B 53 -33.26 20.91 -10.80
N GLU B 54 -34.02 21.69 -11.57
CA GLU B 54 -33.47 22.98 -11.98
C GLU B 54 -33.11 23.88 -10.77
N ASN B 55 -33.94 23.85 -9.75
CA ASN B 55 -33.68 24.70 -8.61
C ASN B 55 -32.63 24.15 -7.65
N LEU B 56 -32.63 22.85 -7.43
CA LEU B 56 -31.67 22.23 -6.52
C LEU B 56 -30.25 22.31 -7.10
N LEU B 57 -30.12 22.03 -8.40
CA LEU B 57 -28.83 22.07 -9.07
C LEU B 57 -28.30 23.49 -9.11
N SER B 58 -29.18 24.46 -9.36
CA SER B 58 -28.77 25.87 -9.40
C SER B 58 -28.32 26.27 -8.00
N THR B 59 -29.06 25.87 -6.98
CA THR B 59 -28.65 26.16 -5.61
C THR B 59 -27.32 25.45 -5.26
N LEU B 60 -27.14 24.20 -5.66
CA LEU B 60 -25.87 23.49 -5.40
C LEU B 60 -24.72 24.23 -6.07
N ASN B 61 -24.94 24.68 -7.29
CA ASN B 61 -23.93 25.43 -8.00
C ASN B 61 -23.58 26.75 -7.27
N ARG B 62 -24.58 27.44 -6.74
CA ARG B 62 -24.32 28.72 -6.08
C ARG B 62 -23.46 28.45 -4.86
N LEU B 63 -23.80 27.38 -4.15
CA LEU B 63 -23.08 26.95 -2.95
C LEU B 63 -21.63 26.65 -3.33
N ALA B 64 -21.45 25.89 -4.41
CA ALA B 64 -20.14 25.51 -4.96
C ALA B 64 -19.33 26.77 -5.21
N GLY B 65 -19.99 27.78 -5.78
CA GLY B 65 -19.32 29.03 -6.05
C GLY B 65 -18.82 29.67 -4.76
N LYS B 66 -19.62 29.66 -3.70
CA LYS B 66 -19.18 30.24 -2.42
C LYS B 66 -18.07 29.45 -1.75
N GLN B 67 -18.11 28.11 -1.87
CA GLN B 67 -17.08 27.26 -1.25
C GLN B 67 -15.71 27.45 -1.93
N MET B 68 -15.72 27.53 -3.26
CA MET B 68 -14.45 27.69 -4.00
C MET B 68 -13.74 29.00 -3.69
N ILE B 69 -14.50 30.04 -3.37
CA ILE B 69 -13.89 31.31 -2.96
C ILE B 69 -13.08 31.00 -1.68
N GLN B 70 -13.66 30.23 -0.75
CA GLN B 70 -12.93 29.87 0.47
C GLN B 70 -11.77 28.90 0.20
N VAL B 71 -11.97 27.92 -0.68
CA VAL B 71 -10.91 26.99 -1.04
C VAL B 71 -9.66 27.77 -1.52
N VAL B 72 -9.92 28.74 -2.38
CA VAL B 72 -8.85 29.56 -2.91
C VAL B 72 -8.06 30.30 -1.82
N LYS B 73 -8.75 30.77 -0.77
CA LYS B 73 -8.08 31.47 0.32
C LYS B 73 -7.28 30.47 1.12
N TRP B 74 -7.84 29.27 1.22
CA TRP B 74 -7.22 28.15 1.91
C TRP B 74 -5.90 27.77 1.22
N ALA B 75 -5.94 27.73 -0.11
CA ALA B 75 -4.77 27.38 -0.90
C ALA B 75 -3.64 28.38 -0.70
N LYS B 76 -3.99 29.66 -0.62
CA LYS B 76 -3.00 30.70 -0.43
C LYS B 76 -2.12 30.43 0.77
N VAL B 77 -2.72 30.17 1.93
CA VAL B 77 -1.95 29.94 3.15
C VAL B 77 -1.64 28.48 3.41
N LEU B 78 -1.72 27.66 2.37
CA LEU B 78 -1.43 26.24 2.49
C LEU B 78 0.11 25.98 2.36
N PRO B 79 0.76 25.59 3.47
CA PRO B 79 2.19 25.30 3.55
C PRO B 79 2.73 24.47 2.38
N GLY B 80 3.66 25.07 1.65
CA GLY B 80 4.25 24.40 0.52
C GLY B 80 3.65 24.81 -0.81
N PHE B 81 2.37 25.17 -0.78
CA PHE B 81 1.64 25.55 -1.99
C PHE B 81 2.17 26.85 -2.63
N LYS B 82 2.70 27.74 -1.81
CA LYS B 82 3.27 29.01 -2.29
C LYS B 82 4.63 28.77 -2.99
N ASN B 83 5.29 27.66 -2.67
CA ASN B 83 6.58 27.36 -3.28
C ASN B 83 6.44 26.98 -4.76
N LEU B 84 5.21 26.73 -5.21
CA LEU B 84 4.95 26.32 -6.59
C LEU B 84 4.65 27.55 -7.44
N PRO B 85 5.00 27.49 -8.73
CA PRO B 85 4.75 28.63 -9.62
C PRO B 85 3.31 29.09 -9.52
N LEU B 86 3.00 30.25 -10.10
CA LEU B 86 1.64 30.77 -10.05
C LEU B 86 0.76 30.06 -11.05
N GLU B 87 1.33 29.63 -12.16
CA GLU B 87 0.56 28.92 -13.16
C GLU B 87 0.05 27.58 -12.60
N ASP B 88 0.93 26.88 -11.91
CA ASP B 88 0.59 25.57 -11.36
C ASP B 88 -0.44 25.68 -10.23
N GLN B 89 -0.38 26.76 -9.47
CA GLN B 89 -1.33 26.95 -8.38
C GLN B 89 -2.72 27.08 -8.98
N ILE B 90 -2.87 27.93 -9.97
CA ILE B 90 -4.16 28.09 -10.60
C ILE B 90 -4.63 26.77 -11.19
N THR B 91 -3.77 26.14 -12.01
CA THR B 91 -4.06 24.85 -12.67
C THR B 91 -4.47 23.76 -11.67
N LEU B 92 -3.77 23.67 -10.55
CA LEU B 92 -4.11 22.65 -9.55
C LEU B 92 -5.50 22.87 -8.95
N ILE B 93 -5.82 24.12 -8.65
CA ILE B 93 -7.13 24.40 -8.07
C ILE B 93 -8.23 24.04 -9.05
N GLN B 94 -8.05 24.41 -10.32
CA GLN B 94 -9.03 24.12 -11.38
C GLN B 94 -9.24 22.64 -11.66
N TYR B 95 -8.17 21.85 -11.58
CA TYR B 95 -8.29 20.42 -11.85
C TYR B 95 -8.89 19.61 -10.72
N SER B 96 -8.70 20.06 -9.48
CA SER B 96 -9.16 19.33 -8.29
C SER B 96 -10.39 19.88 -7.61
N TRP B 97 -11.06 20.86 -8.20
CA TRP B 97 -12.21 21.44 -7.51
C TRP B 97 -13.33 20.48 -7.16
N MET B 98 -13.66 19.57 -8.08
CA MET B 98 -14.73 18.60 -7.85
C MET B 98 -14.32 17.59 -6.81
N SER B 99 -13.06 17.15 -6.83
CA SER B 99 -12.56 16.22 -5.80
C SER B 99 -12.63 16.83 -4.40
N LEU B 100 -12.13 18.06 -4.25
CA LEU B 100 -12.18 18.73 -2.95
C LEU B 100 -13.63 18.98 -2.50
N SER B 101 -14.49 19.34 -3.46
CA SER B 101 -15.87 19.59 -3.14
C SER B 101 -16.56 18.31 -2.66
N SER B 102 -16.43 17.22 -3.41
CA SER B 102 -17.10 15.96 -3.00
C SER B 102 -16.51 15.42 -1.71
N PHE B 103 -15.19 15.44 -1.63
CA PHE B 103 -14.52 14.95 -0.44
C PHE B 103 -14.96 15.71 0.82
N ALA B 104 -15.04 17.04 0.74
CA ALA B 104 -15.44 17.89 1.90
C ALA B 104 -16.89 17.64 2.25
N LEU B 105 -17.67 17.36 1.22
CA LEU B 105 -19.09 17.04 1.44
C LEU B 105 -19.21 15.79 2.29
N SER B 106 -18.43 14.76 1.94
CA SER B 106 -18.45 13.50 2.67
C SER B 106 -18.00 13.70 4.11
N TRP B 107 -17.05 14.61 4.33
CA TRP B 107 -16.57 14.87 5.67
C TRP B 107 -17.66 15.49 6.55
N ARG B 108 -18.32 16.52 6.05
CA ARG B 108 -19.38 17.17 6.80
C ARG B 108 -20.55 16.21 7.01
N SER B 109 -20.81 15.38 6.01
CA SER B 109 -21.91 14.45 6.17
C SER B 109 -21.56 13.47 7.29
N TYR B 110 -20.29 13.09 7.31
CA TYR B 110 -19.80 12.13 8.29
C TYR B 110 -19.88 12.70 9.71
N LYS B 111 -19.26 13.85 9.91
CA LYS B 111 -19.21 14.56 11.18
C LYS B 111 -20.56 15.08 11.72
N HIS B 112 -21.33 15.76 10.88
CA HIS B 112 -22.62 16.30 11.34
C HIS B 112 -23.85 15.38 11.33
N THR B 113 -23.82 14.31 10.55
CA THR B 113 -24.99 13.45 10.51
C THR B 113 -24.63 12.00 10.65
N ASN B 114 -23.38 11.71 10.97
CA ASN B 114 -22.94 10.32 11.07
C ASN B 114 -23.13 9.62 9.72
N SER B 115 -22.93 10.34 8.62
CA SER B 115 -23.06 9.76 7.29
C SER B 115 -24.48 9.25 7.06
N GLN B 116 -25.43 9.92 7.69
CA GLN B 116 -26.84 9.60 7.55
C GLN B 116 -27.43 10.36 6.33
N PHE B 117 -26.99 11.59 6.11
CA PHE B 117 -27.49 12.41 5.00
C PHE B 117 -26.30 13.08 4.26
N LEU B 118 -26.61 13.83 3.22
CA LEU B 118 -25.54 14.58 2.54
C LEU B 118 -25.64 16.03 3.07
N TYR B 119 -24.68 16.38 3.92
CA TYR B 119 -24.64 17.68 4.51
C TYR B 119 -23.90 18.64 3.60
N PHE B 120 -24.57 19.12 2.55
CA PHE B 120 -23.94 20.09 1.64
C PHE B 120 -23.61 21.41 2.39
N ALA B 121 -24.57 21.86 3.18
CA ALA B 121 -24.41 23.09 3.97
C ALA B 121 -25.34 22.94 5.16
N PRO B 122 -25.15 23.78 6.20
CA PRO B 122 -26.02 23.68 7.37
C PRO B 122 -27.50 23.93 6.99
N ASP B 123 -27.73 24.80 6.02
CA ASP B 123 -29.10 25.08 5.55
C ASP B 123 -29.54 24.24 4.34
N LEU B 124 -28.78 23.18 3.99
CA LEU B 124 -29.13 22.36 2.82
C LEU B 124 -28.60 20.94 3.08
N VAL B 125 -29.45 20.12 3.68
CA VAL B 125 -29.07 18.76 4.01
C VAL B 125 -29.93 17.86 3.16
N PHE B 126 -29.30 17.01 2.37
CA PHE B 126 -30.05 16.09 1.51
C PHE B 126 -30.39 14.73 2.12
N ASN B 127 -31.67 14.38 2.08
CA ASN B 127 -32.10 13.05 2.48
C ASN B 127 -32.36 12.36 1.10
N GLU B 128 -32.81 11.12 1.12
CA GLU B 128 -33.09 10.36 -0.11
C GLU B 128 -33.98 11.15 -1.08
N GLU B 129 -35.07 11.70 -0.57
CA GLU B 129 -36.00 12.44 -1.40
C GLU B 129 -35.33 13.55 -2.24
N LYS B 130 -34.53 14.39 -1.59
CA LYS B 130 -33.80 15.48 -2.25
C LYS B 130 -32.81 14.91 -3.26
N MET B 131 -32.19 13.78 -2.93
CA MET B 131 -31.24 13.19 -3.86
C MET B 131 -31.98 12.80 -5.17
N HIS B 132 -33.22 12.31 -5.05
CA HIS B 132 -34.01 11.93 -6.25
C HIS B 132 -34.40 13.20 -6.97
N GLN B 133 -34.84 14.19 -6.20
CA GLN B 133 -35.26 15.43 -6.81
C GLN B 133 -34.17 16.22 -7.56
N SER B 134 -32.92 16.02 -7.17
CA SER B 134 -31.80 16.70 -7.81
C SER B 134 -31.49 16.15 -9.21
N ALA B 135 -32.07 15.03 -9.59
CA ALA B 135 -31.79 14.39 -10.89
C ALA B 135 -30.35 13.85 -10.95
N MET B 136 -29.65 13.73 -9.83
CA MET B 136 -28.29 13.18 -9.84
C MET B 136 -28.25 12.21 -8.65
N TYR B 137 -29.28 11.36 -8.59
CA TYR B 137 -29.45 10.42 -7.50
C TYR B 137 -28.25 9.51 -7.33
N GLU B 138 -27.87 8.81 -8.39
CA GLU B 138 -26.73 7.89 -8.39
C GLU B 138 -25.42 8.57 -7.95
N LEU B 139 -25.16 9.77 -8.43
CA LEU B 139 -23.98 10.54 -8.01
C LEU B 139 -24.03 10.85 -6.46
N CYS B 140 -25.21 11.22 -5.96
CA CYS B 140 -25.36 11.47 -4.52
C CYS B 140 -25.05 10.15 -3.77
N GLN B 141 -25.46 9.03 -4.34
CA GLN B 141 -25.20 7.75 -3.69
C GLN B 141 -23.71 7.50 -3.67
N GLY B 142 -23.04 7.87 -4.78
CA GLY B 142 -21.60 7.73 -4.88
C GLY B 142 -20.86 8.47 -3.78
N MET B 143 -21.19 9.74 -3.55
CA MET B 143 -20.54 10.55 -2.50
C MET B 143 -20.92 10.09 -1.09
N HIS B 144 -22.15 9.60 -0.97
CA HIS B 144 -22.62 9.12 0.30
C HIS B 144 -21.83 7.84 0.65
N GLN B 145 -21.46 7.03 -0.35
CA GLN B 145 -20.69 5.81 -0.09
C GLN B 145 -19.35 6.18 0.51
N ILE B 146 -18.79 7.28 0.05
CA ILE B 146 -17.54 7.75 0.61
C ILE B 146 -17.77 8.09 2.09
N SER B 147 -18.88 8.80 2.39
CA SER B 147 -19.19 9.16 3.77
C SER B 147 -19.32 7.88 4.61
N LEU B 148 -19.93 6.85 4.03
CA LEU B 148 -20.08 5.59 4.76
C LEU B 148 -18.71 4.98 5.06
N GLN B 149 -17.77 5.10 4.11
CA GLN B 149 -16.44 4.57 4.35
C GLN B 149 -15.76 5.33 5.49
N PHE B 150 -16.10 6.61 5.66
CA PHE B 150 -15.49 7.39 6.73
C PHE B 150 -15.86 6.80 8.11
N VAL B 151 -17.09 6.31 8.23
CA VAL B 151 -17.59 5.69 9.47
C VAL B 151 -16.89 4.35 9.74
N ARG B 152 -16.90 3.44 8.75
CA ARG B 152 -16.24 2.14 8.92
C ARG B 152 -14.76 2.34 9.27
N LEU B 153 -14.12 3.34 8.67
CA LEU B 153 -12.71 3.60 8.94
C LEU B 153 -12.48 4.48 10.15
N GLN B 154 -13.54 5.14 10.64
CA GLN B 154 -13.41 6.09 11.74
C GLN B 154 -12.34 7.09 11.38
N LEU B 155 -12.44 7.66 10.19
CA LEU B 155 -11.46 8.65 9.75
C LEU B 155 -11.36 9.76 10.79
N THR B 156 -10.17 10.35 10.94
CA THR B 156 -9.95 11.40 11.92
C THR B 156 -9.76 12.67 11.15
N PHE B 157 -9.92 13.79 11.85
CA PHE B 157 -9.81 15.10 11.24
C PHE B 157 -8.43 15.36 10.67
N GLU B 158 -7.38 15.02 11.43
CA GLU B 158 -6.01 15.22 10.97
C GLU B 158 -5.81 14.43 9.66
N GLU B 159 -6.27 13.18 9.61
CA GLU B 159 -6.10 12.41 8.38
C GLU B 159 -6.84 13.09 7.22
N TYR B 160 -8.06 13.50 7.52
CA TYR B 160 -8.88 14.15 6.53
C TYR B 160 -8.20 15.36 5.92
N THR B 161 -7.60 16.22 6.75
CA THR B 161 -6.98 17.44 6.21
C THR B 161 -5.79 17.21 5.29
N ILE B 162 -5.04 16.15 5.58
CA ILE B 162 -3.88 15.81 4.77
C ILE B 162 -4.40 15.13 3.50
N MET B 163 -5.39 14.25 3.65
CA MET B 163 -5.97 13.63 2.47
C MET B 163 -6.51 14.70 1.49
N LYS B 164 -7.14 15.75 2.00
CA LYS B 164 -7.68 16.83 1.17
C LYS B 164 -6.56 17.48 0.39
N VAL B 165 -5.44 17.77 1.05
CA VAL B 165 -4.27 18.34 0.36
C VAL B 165 -3.82 17.39 -0.76
N LEU B 166 -3.79 16.09 -0.47
CA LEU B 166 -3.39 15.14 -1.50
C LEU B 166 -4.33 15.16 -2.74
N LEU B 167 -5.64 15.40 -2.52
CA LEU B 167 -6.59 15.49 -3.64
C LEU B 167 -6.30 16.76 -4.43
N LEU B 168 -5.90 17.82 -3.75
CA LEU B 168 -5.52 19.07 -4.42
C LEU B 168 -4.35 18.81 -5.39
N LEU B 169 -3.53 17.80 -5.07
CA LEU B 169 -2.35 17.45 -5.87
C LEU B 169 -2.50 16.05 -6.46
N SER B 170 -3.72 15.70 -6.92
CA SER B 170 -3.96 14.37 -7.46
C SER B 170 -4.21 14.39 -8.98
N THR B 171 -4.38 15.57 -9.55
CA THR B 171 -4.60 15.66 -10.98
C THR B 171 -3.72 16.72 -11.62
N ILE B 172 -3.03 16.38 -12.70
CA ILE B 172 -2.15 17.35 -13.37
C ILE B 172 -2.23 17.26 -14.90
N PRO B 173 -1.70 18.26 -15.60
CA PRO B 173 -1.70 18.29 -17.07
C PRO B 173 -0.84 17.14 -17.61
N LYS B 174 -1.26 16.55 -18.73
CA LYS B 174 -0.54 15.44 -19.34
C LYS B 174 0.85 15.90 -19.64
N ASP B 175 0.99 17.20 -19.92
CA ASP B 175 2.30 17.78 -20.22
C ASP B 175 3.12 18.05 -18.97
N GLY B 176 2.45 18.13 -17.83
CA GLY B 176 3.13 18.39 -16.57
C GLY B 176 2.88 19.81 -16.11
N LEU B 177 3.57 20.24 -15.07
CA LEU B 177 3.39 21.59 -14.53
C LEU B 177 4.62 22.40 -14.86
N LYS B 178 4.57 23.71 -14.62
CA LYS B 178 5.73 24.54 -14.90
C LYS B 178 6.91 24.04 -14.10
N SER B 179 6.66 23.78 -12.82
CA SER B 179 7.69 23.28 -11.93
C SER B 179 7.29 21.91 -11.40
N GLN B 180 7.61 20.88 -12.17
CA GLN B 180 7.26 19.52 -11.82
C GLN B 180 7.99 19.04 -10.55
N ALA B 181 9.20 19.57 -10.35
CA ALA B 181 9.99 19.18 -9.19
C ALA B 181 9.43 19.79 -7.91
N ALA B 182 9.01 21.04 -7.98
CA ALA B 182 8.45 21.71 -6.82
C ALA B 182 7.17 21.01 -6.44
N PHE B 183 6.41 20.57 -7.44
CA PHE B 183 5.16 19.87 -7.19
C PHE B 183 5.40 18.53 -6.50
N GLU B 184 6.33 17.74 -7.04
CA GLU B 184 6.67 16.43 -6.49
C GLU B 184 7.14 16.52 -5.03
N GLU B 185 7.84 17.59 -4.70
CA GLU B 185 8.36 17.80 -3.36
C GLU B 185 7.22 18.00 -2.39
N MET B 186 6.33 18.93 -2.73
CA MET B 186 5.16 19.23 -1.92
C MET B 186 4.32 17.95 -1.76
N ARG B 187 4.03 17.32 -2.90
CA ARG B 187 3.23 16.10 -2.92
C ARG B 187 3.86 15.01 -2.06
N THR B 188 5.17 14.83 -2.24
CA THR B 188 5.94 13.84 -1.47
C THR B 188 5.93 14.13 0.03
N ASN B 189 6.06 15.41 0.39
CA ASN B 189 6.05 15.82 1.80
C ASN B 189 4.68 15.53 2.45
N TYR B 190 3.60 15.89 1.77
CA TYR B 190 2.28 15.64 2.32
C TYR B 190 1.99 14.14 2.39
N ILE B 191 2.62 13.36 1.52
CA ILE B 191 2.41 11.91 1.61
C ILE B 191 3.11 11.38 2.87
N LYS B 192 4.31 11.86 3.13
CA LYS B 192 5.05 11.44 4.33
C LYS B 192 4.22 11.81 5.56
N GLU B 193 3.57 12.97 5.50
CA GLU B 193 2.74 13.42 6.63
C GLU B 193 1.65 12.42 6.96
N LEU B 194 1.05 11.83 5.91
CA LEU B 194 -0.02 10.86 6.09
C LEU B 194 0.54 9.54 6.63
N ARG B 195 1.71 9.14 6.12
CA ARG B 195 2.38 7.91 6.54
C ARG B 195 2.75 8.00 8.04
N LYS B 196 3.23 9.16 8.45
CA LYS B 196 3.61 9.37 9.84
C LYS B 196 2.40 9.54 10.77
N MET B 197 1.27 9.95 10.20
CA MET B 197 0.05 10.17 10.96
C MET B 197 -0.60 8.86 11.33
N VAL B 198 -0.51 7.88 10.44
CA VAL B 198 -1.12 6.56 10.69
C VAL B 198 -0.14 5.63 11.41
N ASN B 204 3.73 -0.91 15.91
CA ASN B 204 2.93 -1.92 15.17
C ASN B 204 2.93 -1.61 13.66
N SER B 205 3.91 -2.16 12.95
CA SER B 205 4.05 -1.93 11.51
C SER B 205 2.86 -2.47 10.72
N GLY B 206 2.34 -3.61 11.14
CA GLY B 206 1.21 -4.22 10.46
C GLY B 206 -0.03 -3.34 10.35
N GLN B 207 -0.48 -2.82 11.49
CA GLN B 207 -1.67 -1.98 11.51
C GLN B 207 -1.43 -0.64 10.83
N SER B 208 -0.23 -0.10 10.98
CA SER B 208 0.11 1.20 10.38
C SER B 208 0.05 1.16 8.85
N TRP B 209 0.52 0.08 8.25
CA TRP B 209 0.49 -0.03 6.80
C TRP B 209 -0.91 -0.40 6.29
N GLN B 210 -1.63 -1.19 7.07
CA GLN B 210 -2.96 -1.58 6.67
C GLN B 210 -3.88 -0.37 6.55
N ARG B 211 -3.69 0.63 7.42
CA ARG B 211 -4.51 1.83 7.37
C ARG B 211 -4.03 2.77 6.28
N PHE B 212 -2.71 2.91 6.16
CA PHE B 212 -2.15 3.77 5.14
C PHE B 212 -2.69 3.29 3.78
N TYR B 213 -2.80 1.96 3.67
CA TYR B 213 -3.30 1.27 2.47
C TYR B 213 -4.75 1.60 2.17
N GLN B 214 -5.58 1.51 3.21
CA GLN B 214 -7.00 1.82 3.11
C GLN B 214 -7.20 3.29 2.71
N LEU B 215 -6.50 4.17 3.39
CA LEU B 215 -6.61 5.58 3.07
C LEU B 215 -6.18 5.92 1.63
N THR B 216 -5.08 5.31 1.16
CA THR B 216 -4.58 5.56 -0.19
C THR B 216 -5.49 4.96 -1.26
N LYS B 217 -6.11 3.81 -0.98
CA LYS B 217 -7.06 3.19 -1.91
C LYS B 217 -8.33 4.08 -1.93
N LEU B 218 -8.69 4.65 -0.79
CA LEU B 218 -9.84 5.55 -0.71
C LEU B 218 -9.60 6.76 -1.61
N LEU B 219 -8.42 7.37 -1.53
CA LEU B 219 -8.06 8.52 -2.38
C LEU B 219 -8.15 8.19 -3.87
N ASP B 220 -7.58 7.03 -4.22
CA ASP B 220 -7.60 6.59 -5.61
C ASP B 220 -9.04 6.43 -6.05
N SER B 221 -9.90 5.97 -5.16
CA SER B 221 -11.30 5.76 -5.54
C SER B 221 -12.01 7.06 -5.88
N MET B 222 -11.46 8.19 -5.45
CA MET B 222 -12.05 9.49 -5.76
C MET B 222 -11.96 9.80 -7.25
N HIS B 223 -11.01 9.22 -7.96
CA HIS B 223 -10.90 9.52 -9.39
C HIS B 223 -12.08 9.05 -10.20
N ASP B 224 -12.59 7.86 -9.93
CA ASP B 224 -13.73 7.35 -10.69
C ASP B 224 -14.97 8.16 -10.35
N LEU B 225 -15.18 8.40 -9.07
CA LEU B 225 -16.32 9.18 -8.63
C LEU B 225 -16.30 10.58 -9.25
N VAL B 226 -15.16 11.28 -9.16
CA VAL B 226 -15.03 12.63 -9.70
C VAL B 226 -15.20 12.66 -11.24
N SER B 227 -14.67 11.63 -11.90
CA SER B 227 -14.81 11.52 -13.35
C SER B 227 -16.34 11.50 -13.65
N ASP B 228 -17.11 10.69 -12.94
CA ASP B 228 -18.57 10.70 -13.13
C ASP B 228 -19.24 12.02 -12.70
N LEU B 229 -18.79 12.64 -11.61
CA LEU B 229 -19.41 13.90 -11.19
C LEU B 229 -19.19 14.93 -12.27
N LEU B 230 -17.97 14.98 -12.84
CA LEU B 230 -17.66 15.94 -13.89
C LEU B 230 -18.43 15.69 -15.18
N GLU B 231 -18.61 14.43 -15.54
CA GLU B 231 -19.34 14.15 -16.75
C GLU B 231 -20.74 14.79 -16.62
N PHE B 232 -21.38 14.67 -15.44
CA PHE B 232 -22.71 15.25 -15.23
C PHE B 232 -22.56 16.78 -15.22
N CYS B 233 -21.50 17.23 -14.56
CA CYS B 233 -21.25 18.66 -14.48
C CYS B 233 -21.10 19.34 -15.87
N PHE B 234 -20.22 18.78 -16.69
CA PHE B 234 -20.00 19.31 -18.02
C PHE B 234 -21.27 19.27 -18.86
N TYR B 235 -22.08 18.23 -18.68
CA TYR B 235 -23.32 18.05 -19.42
C TYR B 235 -24.32 19.15 -19.07
N THR B 236 -24.56 19.35 -17.79
CA THR B 236 -25.48 20.38 -17.37
C THR B 236 -24.97 21.77 -17.75
N PHE B 237 -23.66 21.92 -17.77
CA PHE B 237 -23.07 23.22 -18.13
C PHE B 237 -23.33 23.43 -19.64
N ARG B 238 -23.08 22.42 -20.45
CA ARG B 238 -23.32 22.52 -21.89
C ARG B 238 -24.80 22.80 -22.22
N GLU B 239 -25.72 22.17 -21.51
CA GLU B 239 -27.14 22.36 -21.81
C GLU B 239 -27.82 23.24 -20.79
N SER B 240 -27.04 24.17 -20.23
CA SER B 240 -27.52 25.07 -19.21
C SER B 240 -28.81 25.81 -19.54
N HIS B 241 -28.92 26.28 -20.78
CA HIS B 241 -30.11 27.04 -21.18
C HIS B 241 -31.30 26.15 -21.30
N ALA B 242 -31.11 25.00 -21.89
CA ALA B 242 -32.22 24.07 -22.05
C ALA B 242 -32.73 23.56 -20.72
N LEU B 243 -31.79 23.16 -19.85
CA LEU B 243 -32.09 22.62 -18.53
C LEU B 243 -32.43 23.67 -17.48
N LYS B 244 -32.16 24.95 -17.76
CA LYS B 244 -32.43 26.02 -16.79
C LYS B 244 -31.55 25.84 -15.56
N VAL B 245 -30.34 25.35 -15.77
CA VAL B 245 -29.42 25.21 -14.66
C VAL B 245 -28.45 26.40 -14.64
N GLU B 246 -28.48 27.17 -13.56
CA GLU B 246 -27.63 28.35 -13.44
C GLU B 246 -26.32 28.01 -12.75
N PHE B 247 -25.26 28.68 -13.18
CA PHE B 247 -23.90 28.53 -12.64
C PHE B 247 -23.40 29.92 -12.26
N PRO B 248 -22.83 30.09 -11.06
CA PRO B 248 -22.31 31.40 -10.67
C PRO B 248 -21.01 31.69 -11.45
N ALA B 249 -20.57 32.95 -11.47
CA ALA B 249 -19.36 33.32 -12.21
C ALA B 249 -18.12 32.48 -11.87
N MET B 250 -17.89 32.21 -10.59
CA MET B 250 -16.73 31.41 -10.18
C MET B 250 -16.71 30.04 -10.85
N LEU B 251 -17.88 29.42 -11.00
CA LEU B 251 -17.95 28.12 -11.66
C LEU B 251 -17.85 28.25 -13.19
N VAL B 252 -18.44 29.29 -13.76
CA VAL B 252 -18.31 29.43 -15.20
C VAL B 252 -16.81 29.60 -15.49
N GLU B 253 -16.10 30.26 -14.57
CA GLU B 253 -14.68 30.46 -14.75
C GLU B 253 -13.93 29.11 -14.66
N ILE B 254 -14.22 28.34 -13.65
CA ILE B 254 -13.54 27.06 -13.48
C ILE B 254 -13.84 26.05 -14.55
N ILE B 255 -15.13 25.91 -14.89
CA ILE B 255 -15.56 24.93 -15.87
C ILE B 255 -15.20 25.29 -17.33
N SER B 256 -15.23 26.57 -17.67
CA SER B 256 -14.84 27.03 -19.01
C SER B 256 -13.38 26.67 -19.26
N ASP B 257 -12.58 26.64 -18.22
CA ASP B 257 -11.18 26.24 -18.36
C ASP B 257 -11.00 24.71 -18.31
N GLN B 258 -11.73 24.04 -17.41
CA GLN B 258 -11.58 22.60 -17.22
C GLN B 258 -12.17 21.70 -18.24
N LEU B 259 -13.40 22.02 -18.63
CA LEU B 259 -14.13 21.20 -19.57
C LEU B 259 -13.32 20.80 -20.81
N PRO B 260 -12.84 21.78 -21.60
CA PRO B 260 -12.06 21.46 -22.80
C PRO B 260 -10.74 20.71 -22.48
N LYS B 261 -10.14 20.95 -21.32
CA LYS B 261 -8.89 20.23 -21.01
C LYS B 261 -9.16 18.77 -20.63
N VAL B 262 -10.19 18.56 -19.80
CA VAL B 262 -10.55 17.22 -19.38
C VAL B 262 -11.06 16.38 -20.57
N GLU B 263 -11.90 16.98 -21.41
CA GLU B 263 -12.41 16.24 -22.54
C GLU B 263 -11.43 16.00 -23.68
N SER B 264 -10.27 16.64 -23.66
CA SER B 264 -9.30 16.44 -24.73
C SER B 264 -8.20 15.46 -24.28
N GLY B 265 -8.39 14.86 -23.10
CA GLY B 265 -7.46 13.91 -22.53
C GLY B 265 -6.24 14.57 -21.93
N ASN B 266 -6.37 15.86 -21.63
CA ASN B 266 -5.25 16.58 -21.07
C ASN B 266 -5.14 16.54 -19.57
N ALA B 267 -6.05 15.83 -18.91
CA ALA B 267 -6.03 15.69 -17.46
C ALA B 267 -5.44 14.34 -17.06
N LYS B 268 -4.35 14.38 -16.28
CA LYS B 268 -3.70 13.15 -15.82
C LYS B 268 -3.90 12.87 -14.32
N PRO B 269 -4.61 11.78 -14.03
CA PRO B 269 -4.88 11.38 -12.64
C PRO B 269 -3.67 10.66 -12.06
N LEU B 270 -3.30 11.00 -10.83
CA LEU B 270 -2.18 10.33 -10.21
C LEU B 270 -2.74 9.30 -9.22
N TYR B 271 -2.28 8.05 -9.34
CA TYR B 271 -2.73 6.99 -8.45
C TYR B 271 -1.66 6.48 -7.50
N PHE B 272 -2.10 5.81 -6.44
CA PHE B 272 -1.23 5.19 -5.44
C PHE B 272 -1.10 3.68 -5.72
N HIS B 273 -2.10 3.10 -6.35
CA HIS B 273 -2.12 1.68 -6.66
C HIS B 273 -2.34 1.50 -8.16
C1 STR C . 11.87 -28.15 -1.26
C2 STR C . 12.99 -27.17 -1.64
C3 STR C . 12.45 -25.94 -2.38
O3 STR C . 13.25 -25.29 -3.10
C4 STR C . 11.04 -25.51 -2.24
C5 STR C . 10.17 -26.17 -1.50
C6 STR C . 8.72 -25.61 -1.32
C7 STR C . 7.65 -26.73 -1.37
C8 STR C . 7.97 -28.00 -0.50
C9 STR C . 9.39 -28.57 -0.93
C10 STR C . 10.54 -27.51 -0.73
C11 STR C . 9.74 -29.89 -0.14
C12 STR C . 8.58 -30.94 -0.33
C13 STR C . 7.18 -30.40 0.13
C14 STR C . 6.88 -29.10 -0.71
C15 STR C . 5.39 -28.77 -0.37
C16 STR C . 4.75 -30.20 -0.29
C17 STR C . 5.94 -31.24 -0.30
C18 STR C . 7.15 -30.11 1.69
C19 STR C . 10.75 -27.09 0.81
C20 STR C . 5.66 -32.46 0.64
O20 STR C . 4.67 -32.45 1.35
C21 STR C . 6.60 -33.65 0.68
C1 STR D . -21.64 21.63 -4.47
C2 STR D . -21.03 21.82 -3.07
C3 STR D . -20.62 20.50 -2.44
O3 STR D . -20.51 20.47 -1.23
C4 STR D . -20.34 19.30 -3.23
C5 STR D . -20.47 19.29 -4.57
C6 STR D . -20.11 18.00 -5.37
C7 STR D . -21.10 17.68 -6.52
C8 STR D . -21.45 18.90 -7.43
C9 STR D . -22.03 20.06 -6.50
C10 STR D . -20.95 20.55 -5.40
C11 STR D . -22.48 21.29 -7.36
C12 STR D . -23.52 20.84 -8.46
C13 STR D . -22.90 19.74 -9.44
C14 STR D . -22.49 18.50 -8.50
C15 STR D . -22.11 17.35 -9.54
C16 STR D . -23.13 17.58 -10.71
C17 STR D . -23.89 18.94 -10.38
C18 STR D . -21.70 20.38 -10.28
C19 STR D . -19.64 21.19 -6.08
C20 STR D . -24.27 19.75 -11.66
O20 STR D . -23.88 19.38 -12.74
C21 STR D . -25.10 21.01 -11.55
#